data_9L7W
#
_entry.id   9L7W
#
_cell.length_a   38.327
_cell.length_b   115.189
_cell.length_c   126.338
_cell.angle_alpha   90.00
_cell.angle_beta   90.00
_cell.angle_gamma   90.00
#
_symmetry.space_group_name_H-M   'P 21 21 21'
#
loop_
_entity.id
_entity.type
_entity.pdbx_description
1 polymer MPXVgp092
2 polymer 'Envelope protein OPG155'
3 water water
#
loop_
_entity_poly.entity_id
_entity_poly.type
_entity_poly.pdbx_seq_one_letter_code
_entity_poly.pdbx_strand_id
1 'polypeptide(L)'
;GPLGSDNPVFNELTRYMRIKNTVNDWKSLTDSKTKLESDRGRLLAAGKDDIFEFKCVDFGAYFIAMRLDKKTYLPQAIRR
GTGDAWMVKKAAKVDPSAQQFCQYLIKHKSNNVITCGNEMLNELGYSGYFMSPHWCSDLSNMEGGGGSGGGGSGGGGSGG
GGSGGGGS
;
A,C
2 'polypeptide(L)'
;ENYGNIKEFNATHAAFEYSKSIGGTPALDRRVQDVNDTISDVKQKWRCVVYPGNGFVSASIFGFQAEVGPNNTRSIRKFN
TMRQCIDFTFSDVINIDIYNPCIAPNINNTECQFLKSVL
;
B,D
#
# COMPACT_ATOMS: atom_id res chain seq x y z
N PRO A 8 -23.47 -45.75 19.26
CA PRO A 8 -22.09 -45.36 19.56
C PRO A 8 -21.16 -45.45 18.35
N VAL A 9 -20.48 -44.35 18.03
CA VAL A 9 -19.52 -44.33 16.92
C VAL A 9 -18.17 -44.80 17.44
N PHE A 10 -17.49 -45.64 16.64
CA PHE A 10 -16.58 -46.64 17.17
C PHE A 10 -15.18 -46.12 17.50
N ASN A 11 -14.64 -45.17 16.74
CA ASN A 11 -13.25 -44.74 16.99
C ASN A 11 -13.15 -43.23 17.03
N GLU A 12 -14.06 -42.57 17.75
CA GLU A 12 -14.04 -41.11 17.83
C GLU A 12 -12.74 -40.60 18.42
N LEU A 13 -12.37 -41.10 19.59
CA LEU A 13 -11.19 -40.60 20.28
C LEU A 13 -9.91 -40.90 19.50
N THR A 14 -9.77 -42.14 19.02
CA THR A 14 -8.56 -42.54 18.31
C THR A 14 -8.46 -41.90 16.93
N ARG A 15 -9.57 -41.50 16.32
CA ARG A 15 -9.48 -40.76 15.06
C ARG A 15 -9.19 -39.29 15.30
N TYR A 16 -9.83 -38.69 16.32
CA TYR A 16 -9.52 -37.31 16.65
C TYR A 16 -8.05 -37.14 17.03
N MET A 17 -7.48 -38.13 17.72
CA MET A 17 -6.07 -38.04 18.07
C MET A 17 -5.18 -38.18 16.83
N ARG A 18 -5.53 -39.09 15.92
CA ARG A 18 -4.76 -39.18 14.67
C ARG A 18 -4.88 -37.91 13.84
N ILE A 19 -6.02 -37.22 13.89
CA ILE A 19 -6.15 -35.97 13.16
C ILE A 19 -5.34 -34.85 13.82
N LYS A 20 -5.38 -34.74 15.15
CA LYS A 20 -4.59 -33.70 15.79
C LYS A 20 -3.10 -33.97 15.62
N ASN A 21 -2.71 -35.24 15.62
CA ASN A 21 -1.32 -35.60 15.35
C ASN A 21 -0.98 -35.38 13.88
N THR A 22 -1.95 -35.57 12.98
CA THR A 22 -1.76 -35.23 11.56
C THR A 22 -1.47 -33.76 11.39
N VAL A 23 -2.25 -32.90 12.05
CA VAL A 23 -1.98 -31.46 11.98
C VAL A 23 -0.61 -31.14 12.56
N ASN A 24 -0.22 -31.83 13.65
CA ASN A 24 1.11 -31.62 14.21
C ASN A 24 2.19 -32.08 13.25
N ASP A 25 1.94 -33.16 12.50
CA ASP A 25 2.93 -33.68 11.57
C ASP A 25 3.02 -32.80 10.34
N TRP A 26 1.89 -32.20 9.93
CA TRP A 26 1.92 -31.20 8.87
C TRP A 26 2.80 -30.03 9.28
N LYS A 27 2.64 -29.57 10.53
CA LYS A 27 3.40 -28.43 10.98
C LYS A 27 4.88 -28.77 11.17
N SER A 28 5.17 -30.02 11.57
CA SER A 28 6.57 -30.43 11.69
C SER A 28 7.23 -30.60 10.33
N LEU A 29 6.50 -31.14 9.34
CA LEU A 29 7.04 -31.22 7.99
C LEU A 29 7.30 -29.82 7.44
N THR A 30 6.34 -28.91 7.64
CA THR A 30 6.51 -27.53 7.22
C THR A 30 7.74 -26.91 7.87
N ASP A 31 7.88 -27.07 9.20
CA ASP A 31 9.02 -26.48 9.89
C ASP A 31 10.34 -27.08 9.45
N SER A 32 10.39 -28.39 9.21
CA SER A 32 11.64 -29.00 8.76
C SER A 32 11.99 -28.56 7.35
N LYS A 33 10.98 -28.40 6.49
CA LYS A 33 11.22 -27.86 5.15
C LYS A 33 11.69 -26.42 5.22
N THR A 34 11.03 -25.61 6.05
CA THR A 34 11.48 -24.25 6.33
C THR A 34 12.95 -24.22 6.75
N LYS A 35 13.33 -25.07 7.70
CA LYS A 35 14.72 -25.10 8.17
C LYS A 35 15.68 -25.47 7.05
N LEU A 36 15.34 -26.51 6.28
CA LEU A 36 16.18 -26.91 5.15
C LEU A 36 16.35 -25.74 4.18
N GLU A 37 15.25 -25.08 3.83
CA GLU A 37 15.31 -23.99 2.87
C GLU A 37 16.07 -22.80 3.44
N SER A 38 15.93 -22.54 4.75
CA SER A 38 16.70 -21.48 5.39
C SER A 38 18.20 -21.73 5.28
N ASP A 39 18.62 -22.97 5.57
CA ASP A 39 20.05 -23.27 5.47
C ASP A 39 20.53 -23.23 4.03
N ARG A 40 19.72 -23.74 3.09
CA ARG A 40 20.04 -23.57 1.68
C ARG A 40 20.12 -22.09 1.31
N GLY A 41 19.23 -21.28 1.86
CA GLY A 41 19.32 -19.84 1.67
C GLY A 41 20.64 -19.27 2.14
N ARG A 42 21.11 -19.71 3.30
CA ARG A 42 22.40 -19.22 3.78
C ARG A 42 23.52 -19.60 2.82
N LEU A 43 23.47 -20.84 2.32
CA LEU A 43 24.53 -21.31 1.44
C LEU A 43 24.45 -20.68 0.05
N LEU A 44 23.23 -20.40 -0.42
CA LEU A 44 23.01 -19.74 -1.70
C LEU A 44 23.43 -18.27 -1.65
N ALA A 45 22.96 -17.56 -0.62
CA ALA A 45 23.21 -16.13 -0.46
C ALA A 45 24.69 -15.78 -0.48
N ALA A 46 25.55 -16.69 -0.04
CA ALA A 46 26.98 -16.41 0.09
C ALA A 46 27.56 -15.82 -1.18
N GLY A 47 28.15 -14.63 -1.04
CA GLY A 47 28.81 -13.95 -2.15
C GLY A 47 27.90 -13.25 -3.12
N LYS A 48 26.68 -12.87 -2.72
CA LYS A 48 25.75 -12.21 -3.62
C LYS A 48 25.23 -10.94 -2.96
N ASP A 49 25.27 -9.83 -3.70
CA ASP A 49 24.70 -8.58 -3.26
C ASP A 49 23.31 -8.42 -3.86
N ASP A 50 22.44 -7.71 -3.14
CA ASP A 50 21.04 -7.52 -3.49
C ASP A 50 20.27 -8.83 -3.47
N ILE A 51 20.82 -9.86 -2.82
CA ILE A 51 20.04 -11.06 -2.58
C ILE A 51 18.93 -10.72 -1.59
N PHE A 52 19.17 -9.71 -0.74
CA PHE A 52 18.20 -9.24 0.23
C PHE A 52 17.39 -8.06 -0.28
N GLU A 53 17.59 -7.66 -1.54
CA GLU A 53 16.84 -6.57 -2.13
C GLU A 53 15.79 -7.11 -3.09
N PHE A 54 14.62 -6.48 -3.06
CA PHE A 54 13.54 -6.90 -3.95
C PHE A 54 13.99 -6.75 -5.39
N LYS A 55 13.71 -7.78 -6.18
CA LYS A 55 13.96 -7.76 -7.61
C LYS A 55 12.74 -8.35 -8.30
N CYS A 56 12.43 -7.83 -9.48
CA CYS A 56 11.33 -8.37 -10.29
C CYS A 56 11.82 -9.60 -11.04
N VAL A 57 11.22 -10.74 -10.72
CA VAL A 57 11.65 -12.03 -11.22
C VAL A 57 10.58 -12.55 -12.16
N ASP A 58 11.01 -13.04 -13.32
CA ASP A 58 10.12 -13.54 -14.36
C ASP A 58 9.90 -15.03 -14.12
N PHE A 59 8.70 -15.41 -13.71
CA PHE A 59 8.32 -16.81 -13.59
C PHE A 59 7.62 -17.33 -14.84
N GLY A 60 7.81 -16.65 -15.98
CA GLY A 60 7.17 -17.07 -17.21
C GLY A 60 5.82 -16.44 -17.46
N ALA A 61 4.80 -16.89 -16.72
CA ALA A 61 3.46 -16.34 -16.87
C ALA A 61 3.22 -15.10 -16.00
N TYR A 62 4.15 -14.75 -15.13
CA TYR A 62 3.94 -13.58 -14.26
C TYR A 62 5.29 -13.15 -13.69
N PHE A 63 5.30 -11.92 -13.20
CA PHE A 63 6.42 -11.38 -12.43
C PHE A 63 6.09 -11.41 -10.94
N ILE A 64 7.14 -11.63 -10.14
CA ILE A 64 7.04 -11.49 -8.69
C ILE A 64 8.18 -10.61 -8.19
N ALA A 65 7.87 -9.67 -7.31
CA ALA A 65 8.89 -8.90 -6.61
C ALA A 65 9.31 -9.69 -5.38
N MET A 66 10.56 -10.16 -5.36
CA MET A 66 10.97 -11.04 -4.28
C MET A 66 12.42 -10.77 -3.86
N ARG A 67 12.77 -11.35 -2.72
CA ARG A 67 14.09 -11.25 -2.13
C ARG A 67 14.23 -12.38 -1.12
N LEU A 68 15.41 -12.48 -0.51
CA LEU A 68 15.61 -13.32 0.66
C LEU A 68 15.49 -12.49 1.93
N ASP A 69 14.86 -13.07 2.95
CA ASP A 69 14.84 -12.45 4.27
C ASP A 69 16.27 -12.37 4.82
N LYS A 70 16.57 -11.28 5.52
CA LYS A 70 17.90 -11.14 6.12
C LYS A 70 18.07 -12.05 7.33
N LYS A 71 16.97 -12.32 8.04
CA LYS A 71 17.01 -13.16 9.25
C LYS A 71 16.85 -14.63 8.87
N THR A 72 15.63 -15.03 8.50
CA THR A 72 15.34 -16.44 8.22
C THR A 72 16.05 -16.96 6.97
N TYR A 73 16.37 -16.08 6.01
CA TYR A 73 16.99 -16.41 4.73
C TYR A 73 16.02 -17.10 3.78
N LEU A 74 14.73 -17.04 4.04
CA LEU A 74 13.75 -17.66 3.20
C LEU A 74 13.27 -16.70 2.12
N PRO A 75 12.73 -17.22 1.01
CA PRO A 75 12.20 -16.33 -0.02
C PRO A 75 10.95 -15.62 0.47
N GLN A 76 10.90 -14.31 0.22
CA GLN A 76 9.73 -13.52 0.57
C GLN A 76 9.42 -12.60 -0.59
N ALA A 77 8.14 -12.31 -0.76
CA ALA A 77 7.68 -11.53 -1.89
C ALA A 77 6.72 -10.44 -1.43
N ILE A 78 6.59 -9.43 -2.27
CA ILE A 78 5.61 -8.38 -2.01
C ILE A 78 4.22 -8.99 -2.05
N ARG A 79 3.43 -8.71 -1.03
CA ARG A 79 2.14 -9.35 -0.84
C ARG A 79 1.05 -8.49 -1.45
N ARG A 80 0.04 -9.14 -2.02
CA ARG A 80 -1.09 -8.46 -2.64
C ARG A 80 -2.27 -8.49 -1.67
N GLY A 81 -2.53 -7.35 -1.05
CA GLY A 81 -3.64 -7.26 -0.11
C GLY A 81 -3.50 -8.28 1.01
N THR A 82 -4.51 -9.13 1.16
CA THR A 82 -4.53 -10.12 2.22
C THR A 82 -4.28 -11.53 1.70
N GLY A 83 -4.03 -11.70 0.40
CA GLY A 83 -3.78 -12.99 -0.20
C GLY A 83 -2.32 -13.36 -0.30
N ASP A 84 -1.95 -14.01 -1.40
CA ASP A 84 -0.59 -14.50 -1.62
C ASP A 84 0.28 -13.38 -2.18
N ALA A 85 1.47 -13.75 -2.64
CA ALA A 85 2.37 -12.81 -3.29
C ALA A 85 1.68 -12.15 -4.48
N TRP A 86 2.03 -10.90 -4.74
CA TRP A 86 1.48 -10.19 -5.89
C TRP A 86 2.12 -10.75 -7.16
N MET A 87 1.32 -11.44 -7.97
CA MET A 87 1.78 -12.02 -9.23
C MET A 87 1.26 -11.16 -10.37
N VAL A 88 2.17 -10.42 -11.01
CA VAL A 88 1.79 -9.53 -12.10
C VAL A 88 1.70 -10.36 -13.38
N LYS A 89 0.47 -10.63 -13.82
CA LYS A 89 0.24 -11.50 -14.98
C LYS A 89 0.83 -10.91 -16.25
N LYS A 90 1.57 -11.74 -16.98
CA LYS A 90 2.09 -11.40 -18.29
C LYS A 90 1.12 -11.84 -19.38
N ALA A 91 1.12 -11.10 -20.50
CA ALA A 91 0.27 -11.42 -21.63
C ALA A 91 1.06 -11.87 -22.86
N ALA A 92 2.39 -11.97 -22.73
CA ALA A 92 3.29 -12.51 -23.75
C ALA A 92 4.62 -12.76 -23.07
N LYS A 93 5.51 -13.50 -23.75
CA LYS A 93 6.82 -13.77 -23.17
C LYS A 93 7.54 -12.48 -22.80
N VAL A 94 7.36 -11.43 -23.58
CA VAL A 94 7.92 -10.12 -23.28
C VAL A 94 6.75 -9.18 -23.00
N ASP A 95 6.69 -8.67 -21.77
CA ASP A 95 5.62 -7.78 -21.34
C ASP A 95 6.26 -6.67 -20.55
N PRO A 96 6.73 -5.62 -21.23
CA PRO A 96 7.39 -4.52 -20.51
C PRO A 96 6.48 -3.85 -19.51
N SER A 97 5.17 -3.78 -19.79
CA SER A 97 4.24 -3.14 -18.89
C SER A 97 4.14 -3.87 -17.56
N ALA A 98 3.97 -5.20 -17.60
CA ALA A 98 3.94 -5.99 -16.38
C ALA A 98 5.23 -5.82 -15.58
N GLN A 99 6.37 -5.80 -16.28
CA GLN A 99 7.67 -5.61 -15.63
C GLN A 99 7.75 -4.25 -14.94
N GLN A 100 7.27 -3.19 -15.60
CA GLN A 100 7.32 -1.88 -14.99
C GLN A 100 6.36 -1.78 -13.81
N PHE A 101 5.19 -2.44 -13.91
CA PHE A 101 4.28 -2.45 -12.77
C PHE A 101 4.90 -3.17 -11.58
N CYS A 102 5.62 -4.26 -11.83
CA CYS A 102 6.34 -4.92 -10.75
C CYS A 102 7.38 -4.00 -10.12
N GLN A 103 8.10 -3.22 -10.95
CA GLN A 103 9.02 -2.23 -10.39
C GLN A 103 8.27 -1.21 -9.54
N TYR A 104 7.07 -0.82 -9.98
CA TYR A 104 6.24 0.09 -9.22
C TYR A 104 5.89 -0.50 -7.86
N LEU A 105 5.51 -1.79 -7.85
CA LEU A 105 5.25 -2.47 -6.59
C LEU A 105 6.45 -2.38 -5.66
N ILE A 106 7.65 -2.62 -6.20
CA ILE A 106 8.85 -2.52 -5.37
C ILE A 106 8.95 -1.13 -4.75
N LYS A 107 8.78 -0.09 -5.56
CA LYS A 107 8.97 1.26 -5.03
C LYS A 107 7.86 1.73 -4.10
N HIS A 108 6.66 1.17 -4.20
CA HIS A 108 5.51 1.76 -3.51
C HIS A 108 4.71 0.81 -2.62
N LYS A 109 4.89 -0.51 -2.74
CA LYS A 109 4.04 -1.46 -2.03
C LYS A 109 4.85 -2.49 -1.25
N SER A 110 6.12 -2.20 -0.95
CA SER A 110 7.01 -3.19 -0.38
C SER A 110 6.88 -3.37 1.13
N ASN A 111 5.98 -2.67 1.82
CA ASN A 111 5.83 -2.90 3.25
C ASN A 111 4.98 -4.12 3.56
N ASN A 112 4.29 -4.67 2.57
CA ASN A 112 3.38 -5.79 2.73
C ASN A 112 4.06 -7.00 2.08
N VAL A 113 4.60 -7.90 2.91
CA VAL A 113 5.46 -8.97 2.46
C VAL A 113 5.01 -10.29 3.06
N ILE A 114 5.27 -11.36 2.32
CA ILE A 114 4.85 -12.72 2.69
C ILE A 114 6.03 -13.64 2.46
N THR A 115 6.26 -14.55 3.40
CA THR A 115 7.45 -15.41 3.41
C THR A 115 7.06 -16.88 3.26
N CYS A 116 7.76 -17.59 2.38
CA CYS A 116 7.51 -19.01 2.20
C CYS A 116 7.71 -19.78 3.50
N GLY A 117 6.84 -20.77 3.73
CA GLY A 117 7.06 -21.68 4.84
C GLY A 117 6.09 -21.52 5.98
N ASN A 118 6.63 -21.35 7.18
CA ASN A 118 5.80 -21.25 8.38
C ASN A 118 4.88 -20.03 8.35
N GLU A 119 5.43 -18.85 8.01
CA GLU A 119 4.60 -17.65 7.98
C GLU A 119 3.45 -17.79 6.98
N MET A 120 3.73 -18.31 5.79
CA MET A 120 2.66 -18.48 4.81
C MET A 120 1.63 -19.49 5.30
N LEU A 121 2.08 -20.53 6.03
CA LEU A 121 1.15 -21.47 6.64
C LEU A 121 0.24 -20.78 7.64
N ASN A 122 0.80 -19.92 8.49
CA ASN A 122 0.00 -19.18 9.46
C ASN A 122 -0.97 -18.23 8.79
N GLU A 123 -0.51 -17.49 7.78
CA GLU A 123 -1.31 -16.41 7.21
C GLU A 123 -2.36 -16.94 6.25
N LEU A 124 -2.03 -17.96 5.46
CA LEU A 124 -2.88 -18.41 4.36
C LEU A 124 -3.34 -19.85 4.50
N GLY A 125 -2.80 -20.62 5.44
CA GLY A 125 -3.17 -22.01 5.59
C GLY A 125 -2.47 -22.97 4.66
N TYR A 126 -1.41 -22.54 4.00
CA TYR A 126 -0.55 -23.43 3.24
C TYR A 126 0.84 -22.82 3.21
N SER A 127 1.84 -23.66 2.94
CA SER A 127 3.22 -23.23 3.05
C SER A 127 3.84 -22.81 1.73
N GLY A 128 3.16 -23.06 0.61
CA GLY A 128 3.73 -22.81 -0.69
C GLY A 128 4.73 -23.85 -1.12
N TYR A 129 5.18 -24.71 -0.20
CA TYR A 129 6.17 -25.73 -0.47
C TYR A 129 5.46 -27.04 -0.79
N PHE A 130 6.09 -27.84 -1.65
CA PHE A 130 5.54 -29.12 -2.10
C PHE A 130 4.17 -28.95 -2.75
N MET A 131 4.05 -27.93 -3.61
CA MET A 131 2.78 -27.67 -4.30
C MET A 131 3.01 -26.89 -5.59
N SER A 132 3.83 -27.44 -6.50
CA SER A 132 3.97 -26.88 -7.84
C SER A 132 2.59 -26.63 -8.44
N PRO A 133 2.42 -25.55 -9.23
CA PRO A 133 3.44 -24.58 -9.66
C PRO A 133 3.67 -23.36 -8.78
N HIS A 134 3.30 -23.42 -7.49
CA HIS A 134 3.48 -22.29 -6.59
C HIS A 134 4.93 -21.83 -6.60
N TRP A 135 5.12 -20.51 -6.46
CA TRP A 135 6.44 -19.91 -6.67
C TRP A 135 7.46 -20.36 -5.62
N CYS A 136 7.03 -20.70 -4.41
CA CYS A 136 7.97 -21.24 -3.43
C CYS A 136 8.50 -22.59 -3.90
N SER A 137 7.62 -23.43 -4.46
CA SER A 137 8.05 -24.73 -4.96
C SER A 137 9.01 -24.57 -6.13
N ASP A 138 8.71 -23.66 -7.06
CA ASP A 138 9.60 -23.42 -8.19
C ASP A 138 10.97 -22.94 -7.72
N LEU A 139 11.01 -22.12 -6.68
CA LEU A 139 12.30 -21.70 -6.13
C LEU A 139 13.06 -22.86 -5.52
N SER A 140 12.37 -23.71 -4.74
CA SER A 140 13.03 -24.90 -4.21
C SER A 140 13.35 -25.93 -5.29
N ASN A 141 12.98 -25.68 -6.54
CA ASN A 141 13.32 -26.56 -7.66
C ASN A 141 14.36 -25.90 -8.56
N PRO B 26 -4.77 -21.01 -4.78
CA PRO B 26 -3.84 -19.96 -4.33
C PRO B 26 -4.54 -18.66 -3.92
N ALA B 27 -4.34 -18.21 -2.68
CA ALA B 27 -5.11 -17.09 -2.14
C ALA B 27 -4.87 -15.82 -2.95
N LEU B 28 -5.97 -15.19 -3.38
CA LEU B 28 -5.93 -14.00 -4.22
C LEU B 28 -6.85 -12.96 -3.61
N ASP B 29 -6.27 -11.91 -3.05
CA ASP B 29 -7.06 -10.80 -2.52
C ASP B 29 -7.48 -9.92 -3.69
N ARG B 30 -8.69 -10.13 -4.18
CA ARG B 30 -9.20 -9.39 -5.33
C ARG B 30 -9.68 -7.99 -4.96
N ARG B 31 -9.66 -7.63 -3.68
CA ARG B 31 -9.99 -6.26 -3.30
C ARG B 31 -9.00 -5.28 -3.93
N VAL B 32 -7.77 -5.73 -4.14
CA VAL B 32 -6.71 -4.92 -4.73
C VAL B 32 -6.78 -5.05 -6.24
N GLN B 33 -6.90 -3.91 -6.93
CA GLN B 33 -7.07 -3.91 -8.38
C GLN B 33 -5.73 -4.10 -9.08
N ASP B 34 -5.74 -4.88 -10.15
CA ASP B 34 -4.57 -5.03 -11.03
C ASP B 34 -5.07 -5.13 -12.47
N VAL B 35 -4.76 -4.12 -13.28
CA VAL B 35 -5.16 -4.14 -14.68
C VAL B 35 -4.66 -5.39 -15.40
N ASN B 36 -3.49 -5.89 -15.00
CA ASN B 36 -2.89 -7.02 -15.72
C ASN B 36 -3.73 -8.29 -15.60
N ASP B 37 -4.62 -8.35 -14.61
CA ASP B 37 -5.51 -9.50 -14.45
C ASP B 37 -6.31 -9.77 -15.73
N THR B 38 -6.81 -8.71 -16.36
CA THR B 38 -7.86 -8.84 -17.38
C THR B 38 -7.41 -8.48 -18.79
N ILE B 39 -6.26 -7.83 -18.96
CA ILE B 39 -5.79 -7.41 -20.27
C ILE B 39 -5.06 -8.56 -20.96
N SER B 40 -5.69 -9.14 -21.99
CA SER B 40 -5.07 -10.24 -22.73
C SER B 40 -4.14 -9.76 -23.85
N ASP B 41 -4.35 -8.55 -24.37
CA ASP B 41 -3.55 -8.00 -25.47
C ASP B 41 -2.43 -7.14 -24.88
N VAL B 42 -1.19 -7.56 -25.08
CA VAL B 42 -0.05 -6.87 -24.47
C VAL B 42 0.09 -5.45 -25.02
N LYS B 43 -0.33 -5.23 -26.26
CA LYS B 43 -0.22 -3.88 -26.82
C LYS B 43 -1.25 -2.93 -26.23
N GLN B 44 -2.27 -3.44 -25.54
CA GLN B 44 -3.20 -2.59 -24.82
C GLN B 44 -2.61 -2.09 -23.50
N LYS B 45 -1.52 -2.69 -23.03
CA LYS B 45 -0.93 -2.29 -21.76
C LYS B 45 -0.09 -1.03 -21.94
N TRP B 46 -0.15 -0.15 -20.94
CA TRP B 46 0.63 1.07 -20.93
C TRP B 46 2.05 0.81 -20.42
N ARG B 47 3.04 1.36 -21.12
CA ARG B 47 4.42 1.18 -20.70
C ARG B 47 5.23 2.43 -21.00
N CYS B 48 6.23 2.69 -20.16
CA CYS B 48 7.06 3.89 -20.26
C CYS B 48 8.28 3.65 -21.14
N VAL B 49 8.49 4.55 -22.10
CA VAL B 49 9.60 4.46 -23.05
C VAL B 49 10.26 5.83 -23.19
N VAL B 50 11.56 5.82 -23.51
CA VAL B 50 12.27 7.04 -23.84
C VAL B 50 11.73 7.66 -25.11
N TYR B 51 11.42 8.95 -25.06
CA TYR B 51 11.15 9.80 -26.21
C TYR B 51 12.42 10.59 -26.47
N PRO B 52 13.25 10.16 -27.42
CA PRO B 52 14.59 10.76 -27.62
C PRO B 52 14.51 12.27 -27.75
N GLY B 53 15.33 12.97 -26.98
CA GLY B 53 15.32 14.41 -27.06
C GLY B 53 14.49 15.02 -25.96
N ASN B 54 13.32 14.44 -25.69
CA ASN B 54 12.30 15.10 -24.89
C ASN B 54 11.82 14.23 -23.73
N GLY B 55 12.62 13.26 -23.28
CA GLY B 55 12.32 12.63 -22.01
C GLY B 55 11.66 11.27 -22.08
N PHE B 56 10.58 11.06 -21.33
CA PHE B 56 9.91 9.77 -21.30
C PHE B 56 8.40 9.95 -21.52
N VAL B 57 7.77 8.90 -22.07
CA VAL B 57 6.34 8.92 -22.36
C VAL B 57 5.73 7.55 -22.10
N SER B 58 4.44 7.55 -21.77
CA SER B 58 3.66 6.33 -21.53
C SER B 58 2.84 5.99 -22.77
N ALA B 59 3.01 4.78 -23.29
CA ALA B 59 2.49 4.46 -24.61
C ALA B 59 1.79 3.10 -24.61
N SER B 60 0.82 2.98 -25.52
CA SER B 60 0.10 1.75 -25.83
C SER B 60 -0.48 1.91 -27.22
N ILE B 61 -1.24 0.91 -27.68
CA ILE B 61 -1.89 1.03 -29.00
C ILE B 61 -2.81 2.23 -29.05
N PHE B 62 -3.42 2.60 -27.92
CA PHE B 62 -4.35 3.72 -27.95
C PHE B 62 -3.62 5.04 -28.13
N GLY B 63 -2.31 5.05 -27.91
CA GLY B 63 -1.51 6.23 -28.18
C GLY B 63 -0.62 6.59 -27.01
N PHE B 64 -0.43 7.88 -26.82
CA PHE B 64 0.36 8.37 -25.70
C PHE B 64 -0.55 9.04 -24.69
N GLN B 65 -0.19 8.91 -23.43
CA GLN B 65 -0.87 9.66 -22.39
C GLN B 65 -0.55 11.15 -22.58
N ALA B 66 -1.58 11.97 -22.48
CA ALA B 66 -1.47 13.36 -22.89
C ALA B 66 -1.86 14.29 -21.76
N GLU B 67 -1.42 15.53 -21.89
CA GLU B 67 -1.87 16.61 -21.04
C GLU B 67 -2.58 17.64 -21.91
N VAL B 68 -3.47 18.40 -21.28
CA VAL B 68 -4.24 19.40 -22.00
C VAL B 68 -3.29 20.54 -22.38
N GLY B 69 -2.90 20.54 -23.65
CA GLY B 69 -2.02 21.54 -24.18
C GLY B 69 -2.78 22.67 -24.83
N PRO B 70 -2.14 23.83 -24.99
CA PRO B 70 -2.85 25.06 -25.36
C PRO B 70 -3.85 24.88 -26.50
N ASN B 71 -5.00 25.55 -26.37
CA ASN B 71 -6.22 25.44 -27.18
C ASN B 71 -7.11 24.31 -26.68
N ASN B 72 -6.97 23.90 -25.41
CA ASN B 72 -7.67 22.72 -24.90
C ASN B 72 -7.57 21.53 -25.85
N THR B 73 -6.37 21.26 -26.31
CA THR B 73 -6.08 20.13 -27.17
C THR B 73 -5.22 19.14 -26.40
N ARG B 74 -4.70 18.14 -27.10
CA ARG B 74 -3.90 17.10 -26.46
C ARG B 74 -2.47 17.20 -26.94
N SER B 75 -1.53 17.25 -25.99
CA SER B 75 -0.12 17.11 -26.30
C SER B 75 0.46 15.94 -25.51
N ILE B 76 1.47 15.28 -26.08
CA ILE B 76 2.03 14.10 -25.44
C ILE B 76 2.64 14.50 -24.10
N ARG B 77 2.28 13.75 -23.06
CA ARG B 77 2.85 14.00 -21.73
C ARG B 77 4.30 13.53 -21.71
N LYS B 78 5.20 14.46 -21.37
CA LYS B 78 6.63 14.17 -21.34
C LYS B 78 7.10 14.22 -19.88
N PHE B 79 7.87 13.21 -19.49
CA PHE B 79 8.37 13.10 -18.13
C PHE B 79 9.88 13.27 -18.10
N ASN B 80 10.37 13.94 -17.06
CA ASN B 80 11.80 14.18 -16.97
C ASN B 80 12.57 12.89 -16.66
N THR B 81 11.96 11.98 -15.91
CA THR B 81 12.62 10.77 -15.47
C THR B 81 11.75 9.55 -15.76
N MET B 82 12.41 8.40 -15.88
CA MET B 82 11.71 7.13 -15.98
C MET B 82 10.79 6.89 -14.79
N ARG B 83 11.26 7.20 -13.58
CA ARG B 83 10.47 6.89 -12.40
C ARG B 83 9.21 7.77 -12.33
N GLN B 84 9.29 9.04 -12.72
CA GLN B 84 8.07 9.84 -12.76
C GLN B 84 7.07 9.24 -13.75
N CYS B 85 7.57 8.74 -14.89
CA CYS B 85 6.68 8.13 -15.86
C CYS B 85 5.99 6.90 -15.28
N ILE B 86 6.77 5.99 -14.68
CA ILE B 86 6.19 4.79 -14.08
C ILE B 86 5.19 5.15 -12.99
N ASP B 87 5.60 6.01 -12.05
CA ASP B 87 4.72 6.42 -10.95
C ASP B 87 3.41 7.00 -11.50
N PHE B 88 3.51 7.89 -12.50
CA PHE B 88 2.32 8.49 -13.07
C PHE B 88 1.44 7.43 -13.73
N THR B 89 2.06 6.48 -14.44
CA THR B 89 1.31 5.51 -15.24
C THR B 89 0.55 4.52 -14.36
N PHE B 90 1.15 4.14 -13.24
CA PHE B 90 0.76 2.89 -12.53
C PHE B 90 0.15 3.22 -11.16
N SER B 91 -0.52 4.37 -11.06
CA SER B 91 -0.73 5.10 -9.79
C SER B 91 -2.07 4.69 -9.17
N ASP B 92 -3.18 5.17 -9.72
CA ASP B 92 -4.50 4.81 -9.17
C ASP B 92 -5.56 4.98 -10.27
N VAL B 93 -5.69 6.19 -10.81
CA VAL B 93 -6.84 6.55 -11.68
C VAL B 93 -6.71 5.82 -13.01
N ILE B 94 -7.83 5.60 -13.69
CA ILE B 94 -7.84 5.46 -15.17
C ILE B 94 -7.38 6.79 -15.79
N ASN B 95 -6.36 6.70 -16.65
CA ASN B 95 -5.54 7.85 -17.10
C ASN B 95 -6.18 8.41 -18.35
N ILE B 96 -7.30 9.12 -18.19
CA ILE B 96 -8.21 9.23 -19.34
C ILE B 96 -7.58 9.96 -20.52
N ASP B 97 -6.83 11.05 -20.31
CA ASP B 97 -6.40 11.88 -21.43
C ASP B 97 -5.39 11.11 -22.26
N ILE B 98 -5.72 10.86 -23.53
CA ILE B 98 -4.87 10.11 -24.45
C ILE B 98 -4.71 10.91 -25.74
N TYR B 99 -3.46 11.00 -26.23
CA TYR B 99 -3.18 11.56 -27.54
C TYR B 99 -2.73 10.44 -28.48
N ASN B 100 -3.47 10.23 -29.56
CA ASN B 100 -3.10 9.26 -30.58
C ASN B 100 -2.69 10.00 -31.85
N PRO B 101 -1.45 9.86 -32.31
CA PRO B 101 -1.03 10.55 -33.54
C PRO B 101 -1.39 9.81 -34.83
N CYS B 102 -1.83 8.56 -34.76
CA CYS B 102 -2.05 7.79 -35.97
C CYS B 102 -3.44 7.99 -36.58
N ILE B 103 -4.41 8.47 -35.80
CA ILE B 103 -5.80 8.53 -36.28
C ILE B 103 -6.42 9.89 -36.01
N ALA B 104 -5.77 10.72 -35.20
CA ALA B 104 -6.15 12.11 -35.01
C ALA B 104 -6.32 12.81 -36.35
N PRO B 105 -7.16 13.85 -36.46
CA PRO B 105 -7.23 14.58 -37.73
C PRO B 105 -5.93 15.32 -38.03
N ASN B 106 -5.13 15.59 -36.99
CA ASN B 106 -3.75 16.02 -37.13
C ASN B 106 -2.85 14.81 -36.91
N ILE B 107 -2.76 13.96 -37.94
CA ILE B 107 -1.89 12.80 -37.82
C ILE B 107 -0.45 13.28 -37.88
N ASN B 108 0.38 12.77 -36.98
CA ASN B 108 1.81 13.01 -37.00
C ASN B 108 2.43 11.67 -37.35
N ASN B 109 2.90 11.56 -38.60
CA ASN B 109 3.34 10.26 -39.10
C ASN B 109 4.65 9.84 -38.44
N THR B 110 5.51 10.81 -38.09
CA THR B 110 6.74 10.48 -37.37
C THR B 110 6.43 10.07 -35.94
N GLU B 111 5.63 10.85 -35.23
CA GLU B 111 5.25 10.44 -33.87
C GLU B 111 4.42 9.16 -33.85
N CYS B 112 3.72 8.84 -34.94
CA CYS B 112 3.00 7.58 -35.01
C CYS B 112 3.96 6.41 -35.26
N GLN B 113 4.96 6.62 -36.11
CA GLN B 113 5.94 5.57 -36.34
C GLN B 113 6.77 5.33 -35.08
N PHE B 114 7.10 6.42 -34.35
CA PHE B 114 7.75 6.25 -33.05
C PHE B 114 6.90 5.39 -32.12
N LEU B 115 5.58 5.64 -32.10
CA LEU B 115 4.67 4.83 -31.29
C LEU B 115 4.74 3.34 -31.65
N LYS B 116 4.48 3.00 -32.91
CA LYS B 116 4.44 1.57 -33.23
C LYS B 116 5.82 0.92 -33.19
N SER B 117 6.89 1.70 -33.27
CA SER B 117 8.22 1.11 -33.09
C SER B 117 8.43 0.71 -31.65
N VAL B 118 7.85 1.44 -30.70
CA VAL B 118 8.08 1.21 -29.27
C VAL B 118 7.18 0.12 -28.70
N LEU B 119 6.16 -0.31 -29.45
CA LEU B 119 5.25 -1.34 -28.98
C LEU B 119 5.68 -2.71 -29.44
N ILE C 19 -26.69 41.95 -2.01
CA ILE C 19 -27.00 41.97 -3.44
C ILE C 19 -26.36 40.72 -4.07
N LYS C 20 -27.00 40.19 -5.11
CA LYS C 20 -26.51 39.00 -5.79
C LYS C 20 -25.18 39.25 -6.51
N ASN C 21 -24.78 40.52 -6.68
CA ASN C 21 -23.50 40.80 -7.34
C ASN C 21 -22.34 40.21 -6.55
N THR C 22 -22.46 40.15 -5.24
CA THR C 22 -21.46 39.48 -4.41
C THR C 22 -21.34 38.01 -4.82
N VAL C 23 -22.48 37.32 -4.92
CA VAL C 23 -22.49 35.92 -5.33
C VAL C 23 -21.94 35.78 -6.75
N ASN C 24 -22.17 36.77 -7.62
CA ASN C 24 -21.64 36.68 -8.97
C ASN C 24 -20.11 36.75 -8.98
N ASP C 25 -19.52 37.60 -8.14
CA ASP C 25 -18.06 37.71 -8.10
C ASP C 25 -17.40 36.58 -7.30
N TRP C 26 -18.11 36.01 -6.33
CA TRP C 26 -17.54 34.91 -5.54
C TRP C 26 -17.11 33.74 -6.42
N LYS C 27 -17.96 33.34 -7.37
CA LYS C 27 -17.60 32.19 -8.20
C LYS C 27 -16.49 32.50 -9.19
N SER C 28 -16.36 33.75 -9.63
CA SER C 28 -15.21 34.09 -10.47
C SER C 28 -13.93 34.04 -9.66
N LEU C 29 -13.99 34.48 -8.40
CA LEU C 29 -12.85 34.33 -7.50
C LEU C 29 -12.51 32.86 -7.29
N THR C 30 -13.52 32.03 -7.06
CA THR C 30 -13.32 30.59 -6.89
C THR C 30 -12.65 29.96 -8.10
N ASP C 31 -13.15 30.27 -9.30
CA ASP C 31 -12.57 29.70 -10.51
C ASP C 31 -11.13 30.16 -10.68
N SER C 32 -10.84 31.42 -10.35
CA SER C 32 -9.46 31.89 -10.48
C SER C 32 -8.54 31.20 -9.49
N LYS C 33 -9.04 30.94 -8.28
CA LYS C 33 -8.27 30.20 -7.29
C LYS C 33 -8.03 28.76 -7.73
N THR C 34 -9.08 28.10 -8.23
CA THR C 34 -8.94 26.77 -8.83
C THR C 34 -7.84 26.74 -9.89
N LYS C 35 -7.89 27.66 -10.86
CA LYS C 35 -6.88 27.64 -11.92
C LYS C 35 -5.48 27.84 -11.35
N LEU C 36 -5.31 28.83 -10.47
CA LEU C 36 -3.98 29.06 -9.89
C LEU C 36 -3.47 27.82 -9.19
N GLU C 37 -4.30 27.20 -8.36
CA GLU C 37 -3.86 26.03 -7.61
C GLU C 37 -3.56 24.86 -8.52
N SER C 38 -4.35 24.69 -9.58
CA SER C 38 -4.09 23.61 -10.54
C SER C 38 -2.73 23.79 -11.21
N ASP C 39 -2.43 25.01 -11.65
CA ASP C 39 -1.16 25.24 -12.34
C ASP C 39 0.03 25.11 -11.39
N ARG C 40 -0.12 25.62 -10.16
CA ARG C 40 0.91 25.42 -9.14
C ARG C 40 1.12 23.94 -8.87
N GLY C 41 0.03 23.17 -8.79
CA GLY C 41 0.11 21.73 -8.70
C GLY C 41 0.86 21.08 -9.85
N ARG C 42 0.60 21.53 -11.08
CA ARG C 42 1.33 20.95 -12.22
C ARG C 42 2.82 21.21 -12.12
N LEU C 43 3.23 22.41 -11.67
CA LEU C 43 4.66 22.64 -11.55
C LEU C 43 5.27 21.79 -10.43
N LEU C 44 4.51 21.61 -9.34
CA LEU C 44 5.02 20.77 -8.26
C LEU C 44 5.14 19.32 -8.71
N ALA C 45 4.08 18.79 -9.34
CA ALA C 45 4.14 17.42 -9.86
C ALA C 45 5.28 17.27 -10.86
N ALA C 46 5.52 18.30 -11.67
CA ALA C 46 6.62 18.26 -12.62
C ALA C 46 7.95 18.03 -11.91
N GLY C 47 8.18 18.73 -10.80
CA GLY C 47 9.44 18.51 -10.12
C GLY C 47 9.44 17.75 -8.79
N LYS C 48 8.39 16.96 -8.51
CA LYS C 48 8.31 16.24 -7.24
C LYS C 48 8.00 14.77 -7.47
N ASP C 49 8.63 13.91 -6.68
CA ASP C 49 8.40 12.47 -6.72
C ASP C 49 7.36 12.07 -5.67
N ASP C 50 6.63 11.00 -5.97
CA ASP C 50 5.54 10.48 -5.12
C ASP C 50 4.39 11.46 -4.99
N ILE C 51 4.28 12.41 -5.92
CA ILE C 51 3.24 13.43 -5.86
C ILE C 51 1.84 12.82 -5.99
N PHE C 52 1.71 11.69 -6.69
CA PHE C 52 0.42 11.05 -6.87
C PHE C 52 0.18 9.91 -5.89
N GLU C 53 1.07 9.70 -4.93
CA GLU C 53 0.92 8.66 -3.92
C GLU C 53 0.46 9.29 -2.61
N PHE C 54 -0.44 8.60 -1.92
CA PHE C 54 -0.89 9.08 -0.62
C PHE C 54 0.25 9.17 0.38
N LYS C 55 0.29 10.29 1.11
CA LYS C 55 1.27 10.45 2.18
C LYS C 55 0.54 10.99 3.39
N CYS C 56 0.96 10.55 4.57
CA CYS C 56 0.40 11.08 5.81
C CYS C 56 1.10 12.37 6.17
N VAL C 57 0.35 13.47 6.20
CA VAL C 57 0.88 14.81 6.38
C VAL C 57 0.45 15.29 7.76
N ASP C 58 1.41 15.86 8.50
CA ASP C 58 1.18 16.31 9.87
C ASP C 58 0.77 17.77 9.83
N PHE C 59 -0.49 18.03 10.16
CA PHE C 59 -1.03 19.39 10.27
C PHE C 59 -0.94 19.94 11.68
N GLY C 60 -0.13 19.34 12.56
CA GLY C 60 -0.05 19.81 13.92
C GLY C 60 -1.03 19.12 14.84
N ALA C 61 -2.32 19.44 14.71
CA ALA C 61 -3.36 18.82 15.52
C ALA C 61 -3.89 17.52 14.94
N TYR C 62 -3.52 17.16 13.72
CA TYR C 62 -4.04 15.93 13.12
C TYR C 62 -3.19 15.54 11.92
N PHE C 63 -3.34 14.30 11.49
CA PHE C 63 -2.78 13.81 10.25
C PHE C 63 -3.86 13.74 9.17
N ILE C 64 -3.46 13.99 7.93
CA ILE C 64 -4.32 13.77 6.77
C ILE C 64 -3.54 12.96 5.75
N ALA C 65 -4.19 11.95 5.18
CA ALA C 65 -3.63 11.20 4.05
C ALA C 65 -3.98 11.94 2.76
N MET C 66 -2.97 12.47 2.07
CA MET C 66 -3.27 13.30 0.91
C MET C 66 -2.23 13.11 -0.20
N ARG C 67 -2.60 13.60 -1.38
CA ARG C 67 -1.81 13.49 -2.61
C ARG C 67 -2.35 14.53 -3.60
N LEU C 68 -1.77 14.56 -4.80
CA LEU C 68 -2.35 15.33 -5.89
C LEU C 68 -3.22 14.47 -6.79
N ASP C 69 -4.35 15.04 -7.23
CA ASP C 69 -5.16 14.40 -8.25
C ASP C 69 -4.40 14.36 -9.58
N LYS C 70 -4.54 13.25 -10.30
CA LYS C 70 -3.91 13.15 -11.62
C LYS C 70 -4.63 14.01 -12.65
N LYS C 71 -5.93 14.23 -12.48
CA LYS C 71 -6.69 15.03 -13.45
C LYS C 71 -6.63 16.51 -13.12
N THR C 72 -7.35 16.94 -12.08
CA THR C 72 -7.45 18.37 -11.77
C THR C 72 -6.13 18.96 -11.30
N TYR C 73 -5.26 18.14 -10.71
CA TYR C 73 -3.99 18.56 -10.13
C TYR C 73 -4.15 19.32 -8.82
N LEU C 74 -5.31 19.21 -8.21
CA LEU C 74 -5.64 19.80 -6.92
C LEU C 74 -5.35 18.81 -5.79
N PRO C 75 -5.24 19.29 -4.56
CA PRO C 75 -5.04 18.37 -3.43
C PRO C 75 -6.23 17.44 -3.26
N GLN C 76 -5.93 16.18 -2.96
CA GLN C 76 -6.91 15.13 -2.77
C GLN C 76 -6.58 14.40 -1.47
N ALA C 77 -7.61 14.02 -0.73
CA ALA C 77 -7.39 13.39 0.57
C ALA C 77 -8.31 12.19 0.75
N ILE C 78 -7.89 11.29 1.63
CA ILE C 78 -8.74 10.17 2.02
C ILE C 78 -9.93 10.72 2.79
N ARG C 79 -11.12 10.32 2.38
CA ARG C 79 -12.34 10.91 2.89
C ARG C 79 -12.89 10.07 4.04
N ARG C 80 -13.50 10.75 5.00
CA ARG C 80 -14.12 10.10 6.15
C ARG C 80 -15.62 10.06 5.92
N GLY C 81 -16.12 8.87 5.58
CA GLY C 81 -17.53 8.70 5.29
C GLY C 81 -17.96 9.59 4.13
N THR C 82 -18.97 10.42 4.37
CA THR C 82 -19.48 11.33 3.36
C THR C 82 -19.12 12.77 3.64
N GLY C 83 -18.33 13.03 4.69
CA GLY C 83 -17.94 14.38 5.01
C GLY C 83 -16.62 14.77 4.38
N ASP C 84 -15.83 15.54 5.12
CA ASP C 84 -14.58 16.06 4.60
C ASP C 84 -13.48 15.01 4.75
N ALA C 85 -12.23 15.43 4.53
CA ALA C 85 -11.09 14.54 4.69
C ALA C 85 -11.05 13.94 6.09
N TRP C 86 -10.54 12.72 6.17
CA TRP C 86 -10.36 12.06 7.45
C TRP C 86 -9.20 12.72 8.18
N MET C 87 -9.51 13.41 9.28
CA MET C 87 -8.49 14.07 10.09
C MET C 87 -8.24 13.23 11.33
N VAL C 88 -7.10 12.56 11.38
CA VAL C 88 -6.76 11.69 12.51
C VAL C 88 -6.21 12.58 13.61
N LYS C 89 -7.03 12.83 14.63
CA LYS C 89 -6.66 13.75 15.69
C LYS C 89 -5.44 13.24 16.46
N LYS C 90 -4.47 14.13 16.65
CA LYS C 90 -3.32 13.85 17.49
C LYS C 90 -3.61 14.27 18.93
N ALA C 91 -2.98 13.58 19.88
CA ALA C 91 -3.15 13.87 21.29
C ALA C 91 -1.90 14.47 21.90
N ALA C 92 -0.85 14.69 21.11
CA ALA C 92 0.36 15.37 21.51
C ALA C 92 1.11 15.73 20.24
N LYS C 93 2.13 16.58 20.39
CA LYS C 93 2.93 16.97 19.23
C LYS C 93 3.47 15.74 18.51
N VAL C 94 3.87 14.72 19.27
CA VAL C 94 4.32 13.45 18.73
C VAL C 94 3.30 12.39 19.12
N ASP C 95 2.64 11.81 18.14
CA ASP C 95 1.57 10.84 18.35
C ASP C 95 1.78 9.73 17.35
N PRO C 96 2.63 8.75 17.69
CA PRO C 96 2.87 7.65 16.74
C PRO C 96 1.62 6.86 16.43
N SER C 97 0.70 6.75 17.39
CA SER C 97 -0.51 5.97 17.14
C SER C 97 -1.36 6.61 16.04
N ALA C 98 -1.59 7.92 16.13
CA ALA C 98 -2.34 8.62 15.10
C ALA C 98 -1.68 8.46 13.73
N GLN C 99 -0.35 8.57 13.69
CA GLN C 99 0.38 8.44 12.43
C GLN C 99 0.21 7.04 11.83
N GLN C 100 0.31 6.01 12.66
CA GLN C 100 0.15 4.65 12.14
C GLN C 100 -1.28 4.41 11.71
N PHE C 101 -2.26 5.00 12.41
CA PHE C 101 -3.64 4.86 11.95
C PHE C 101 -3.83 5.53 10.58
N CYS C 102 -3.20 6.69 10.38
CA CYS C 102 -3.26 7.31 9.06
C CYS C 102 -2.64 6.39 8.00
N GLN C 103 -1.52 5.73 8.35
CA GLN C 103 -0.94 4.73 7.46
C GLN C 103 -1.95 3.61 7.18
N TYR C 104 -2.68 3.19 8.21
CA TYR C 104 -3.70 2.16 8.05
C TYR C 104 -4.78 2.62 7.08
N LEU C 105 -5.24 3.86 7.22
CA LEU C 105 -6.22 4.42 6.30
C LEU C 105 -5.72 4.36 4.87
N ILE C 106 -4.46 4.76 4.65
CA ILE C 106 -3.88 4.68 3.31
C ILE C 106 -3.96 3.25 2.80
N LYS C 107 -3.57 2.28 3.62
CA LYS C 107 -3.53 0.90 3.13
C LYS C 107 -4.92 0.26 3.00
N HIS C 108 -5.94 0.78 3.68
CA HIS C 108 -7.23 0.08 3.78
C HIS C 108 -8.45 0.91 3.41
N LYS C 109 -8.35 2.23 3.31
CA LYS C 109 -9.52 3.07 3.07
C LYS C 109 -9.28 4.07 1.94
N SER C 110 -8.33 3.80 1.05
CA SER C 110 -7.94 4.77 0.04
C SER C 110 -8.91 4.83 -1.14
N ASN C 111 -9.98 4.05 -1.11
CA ASN C 111 -10.98 4.09 -2.18
C ASN C 111 -11.98 5.23 -2.03
N ASN C 112 -12.03 5.88 -0.87
CA ASN C 112 -12.97 6.97 -0.60
C ASN C 112 -12.17 8.25 -0.47
N VAL C 113 -12.25 9.12 -1.50
CA VAL C 113 -11.37 10.27 -1.61
C VAL C 113 -12.20 11.51 -1.92
N ILE C 114 -11.66 12.67 -1.53
CA ILE C 114 -12.32 13.96 -1.72
C ILE C 114 -11.28 14.95 -2.22
N THR C 115 -11.66 15.77 -3.21
CA THR C 115 -10.73 16.66 -3.90
C THR C 115 -11.11 18.11 -3.66
N CYS C 116 -10.12 18.94 -3.35
CA CYS C 116 -10.35 20.37 -3.18
C CYS C 116 -10.93 20.96 -4.47
N GLY C 117 -11.87 21.88 -4.30
CA GLY C 117 -12.33 22.67 -5.43
C GLY C 117 -13.73 22.35 -5.90
N ASN C 118 -13.87 22.08 -7.20
CA ASN C 118 -15.19 21.83 -7.78
C ASN C 118 -15.82 20.57 -7.20
N GLU C 119 -15.06 19.48 -7.12
CA GLU C 119 -15.61 18.23 -6.58
C GLU C 119 -16.08 18.45 -5.15
N MET C 120 -15.28 19.11 -4.32
CA MET C 120 -15.68 19.37 -2.95
C MET C 120 -16.89 20.29 -2.91
N LEU C 121 -16.97 21.24 -3.85
CA LEU C 121 -18.14 22.10 -3.95
C LEU C 121 -19.40 21.28 -4.23
N ASN C 122 -19.31 20.31 -5.13
CA ASN C 122 -20.43 19.44 -5.45
C ASN C 122 -20.82 18.57 -4.26
N GLU C 123 -19.83 17.97 -3.59
CA GLU C 123 -20.12 16.98 -2.56
C GLU C 123 -20.51 17.61 -1.23
N LEU C 124 -19.87 18.72 -0.85
CA LEU C 124 -19.99 19.26 0.49
C LEU C 124 -20.58 20.66 0.53
N GLY C 125 -20.71 21.34 -0.60
CA GLY C 125 -21.22 22.70 -0.60
C GLY C 125 -20.18 23.75 -0.25
N TYR C 126 -18.89 23.41 -0.32
CA TYR C 126 -17.83 24.39 -0.20
C TYR C 126 -16.61 23.86 -0.93
N SER C 127 -15.70 24.79 -1.26
CA SER C 127 -14.53 24.45 -2.06
C SER C 127 -13.30 24.19 -1.21
N GLY C 128 -13.36 24.51 0.09
CA GLY C 128 -12.21 24.38 0.97
C GLY C 128 -11.19 25.50 0.89
N TYR C 129 -11.31 26.42 -0.07
CA TYR C 129 -10.25 27.39 -0.31
C TYR C 129 -10.39 28.68 0.47
N PHE C 130 -11.57 29.04 0.95
CA PHE C 130 -11.70 30.30 1.65
C PHE C 130 -12.28 30.10 3.04
N MET C 131 -11.76 29.13 3.78
CA MET C 131 -12.26 28.84 5.12
C MET C 131 -11.14 28.27 5.98
N SER C 132 -10.03 28.98 6.06
CA SER C 132 -9.03 28.65 7.06
C SER C 132 -9.67 28.59 8.45
N PRO C 133 -9.35 27.59 9.27
CA PRO C 133 -8.38 26.56 8.88
C PRO C 133 -9.03 25.43 8.10
N HIS C 134 -8.34 25.01 7.05
CA HIS C 134 -8.78 23.91 6.21
C HIS C 134 -7.60 23.45 5.38
N TRP C 135 -7.50 22.14 5.16
CA TRP C 135 -6.30 21.59 4.52
C TRP C 135 -6.16 22.08 3.09
N CYS C 136 -7.28 22.40 2.43
CA CYS C 136 -7.21 23.06 1.13
C CYS C 136 -6.67 24.48 1.31
N SER C 137 -5.67 24.86 0.50
CA SER C 137 -4.93 26.13 0.38
C SER C 137 -3.45 25.85 0.62
N PRO D 26 -16.88 22.69 8.41
CA PRO D 26 -16.29 21.51 7.76
C PRO D 26 -17.06 20.23 8.08
N ALA D 27 -17.54 19.54 7.04
CA ALA D 27 -18.42 18.40 7.21
C ALA D 27 -17.73 17.26 7.95
N LEU D 28 -18.40 16.71 8.96
CA LEU D 28 -17.87 15.62 9.77
C LEU D 28 -18.90 14.51 9.83
N ASP D 29 -18.62 13.40 9.15
CA ASP D 29 -19.46 12.22 9.19
C ASP D 29 -19.14 11.43 10.44
N ARG D 30 -19.92 11.63 11.50
CA ARG D 30 -19.68 10.95 12.77
C ARG D 30 -20.14 9.50 12.78
N ARG D 31 -20.83 9.02 11.72
CA ARG D 31 -21.15 7.60 11.67
C ARG D 31 -19.90 6.73 11.58
N VAL D 32 -18.83 7.25 11.00
CA VAL D 32 -17.59 6.50 10.85
C VAL D 32 -16.76 6.70 12.12
N GLN D 33 -16.40 5.59 12.76
CA GLN D 33 -15.73 5.66 14.04
C GLN D 33 -14.24 5.91 13.87
N ASP D 34 -13.68 6.72 14.76
CA ASP D 34 -12.25 6.95 14.82
C ASP D 34 -11.88 6.97 16.29
N VAL D 35 -11.14 5.95 16.71
CA VAL D 35 -10.69 5.81 18.10
C VAL D 35 -9.98 7.07 18.57
N ASN D 36 -9.24 7.73 17.67
CA ASN D 36 -8.45 8.90 18.00
C ASN D 36 -9.30 10.13 18.34
N ASP D 37 -10.59 10.14 17.98
CA ASP D 37 -11.46 11.27 18.30
C ASP D 37 -11.44 11.63 19.78
N THR D 38 -11.50 10.63 20.65
CA THR D 38 -11.79 10.87 22.04
C THR D 38 -10.67 10.54 23.02
N ILE D 39 -9.63 9.82 22.60
CA ILE D 39 -8.54 9.47 23.50
C ILE D 39 -7.60 10.67 23.56
N SER D 40 -7.65 11.41 24.67
CA SER D 40 -6.83 12.60 24.85
C SER D 40 -5.43 12.31 25.40
N ASP D 41 -5.22 11.16 26.04
CA ASP D 41 -3.91 10.82 26.59
C ASP D 41 -3.13 10.02 25.54
N VAL D 42 -2.05 10.60 25.02
CA VAL D 42 -1.32 9.97 23.93
C VAL D 42 -0.72 8.63 24.38
N LYS D 43 -0.39 8.49 25.66
CA LYS D 43 0.16 7.24 26.14
C LYS D 43 -0.88 6.13 26.27
N GLN D 44 -2.17 6.47 26.23
CA GLN D 44 -3.21 5.45 26.24
C GLN D 44 -3.45 4.85 24.87
N LYS D 45 -2.92 5.45 23.80
CA LYS D 45 -3.15 4.96 22.46
C LYS D 45 -2.27 3.76 22.16
N TRP D 46 -2.81 2.81 21.38
CA TRP D 46 -2.02 1.67 20.95
C TRP D 46 -1.15 2.09 19.78
N ARG D 47 0.13 1.71 19.84
CA ARG D 47 1.03 1.97 18.73
C ARG D 47 1.99 0.80 18.62
N CYS D 48 2.39 0.50 17.39
CA CYS D 48 3.25 -0.63 17.11
C CYS D 48 4.70 -0.19 17.20
N VAL D 49 5.50 -0.96 17.93
CA VAL D 49 6.91 -0.65 18.15
C VAL D 49 7.75 -1.91 17.95
N VAL D 50 9.02 -1.69 17.58
CA VAL D 50 9.97 -2.80 17.56
C VAL D 50 10.08 -3.40 18.95
N TYR D 51 9.97 -4.72 19.03
CA TYR D 51 10.25 -5.46 20.24
C TYR D 51 11.66 -6.02 20.05
N PRO D 52 12.68 -5.42 20.67
CA PRO D 52 14.08 -5.72 20.27
C PRO D 52 14.42 -7.19 20.10
N GLY D 53 13.92 -8.10 20.94
CA GLY D 53 14.26 -9.50 20.74
C GLY D 53 13.53 -10.13 19.56
N ASN D 54 12.19 -9.99 19.52
CA ASN D 54 11.38 -10.81 18.62
C ASN D 54 10.30 -9.98 17.91
N GLY D 55 10.70 -9.15 16.95
CA GLY D 55 9.70 -8.63 16.06
C GLY D 55 9.11 -7.28 16.42
N PHE D 56 7.79 -7.21 16.36
CA PHE D 56 7.05 -6.00 16.69
C PHE D 56 5.91 -6.35 17.64
N VAL D 57 5.50 -5.37 18.44
CA VAL D 57 4.41 -5.56 19.40
C VAL D 57 3.59 -4.27 19.45
N SER D 58 2.32 -4.43 19.85
CA SER D 58 1.39 -3.33 20.00
C SER D 58 1.34 -2.92 21.48
N ALA D 59 1.63 -1.66 21.75
CA ALA D 59 1.92 -1.22 23.11
C ALA D 59 1.19 0.07 23.45
N SER D 60 0.93 0.23 24.75
CA SER D 60 0.36 1.44 25.33
C SER D 60 0.75 1.46 26.79
N ILE D 61 0.30 2.48 27.52
CA ILE D 61 0.58 2.54 28.95
C ILE D 61 0.05 1.31 29.66
N PHE D 62 -1.04 0.72 29.15
CA PHE D 62 -1.63 -0.46 29.78
C PHE D 62 -0.84 -1.74 29.54
N GLY D 63 0.08 -1.73 28.56
CA GLY D 63 0.95 -2.88 28.36
C GLY D 63 1.01 -3.30 26.90
N PHE D 64 1.12 -4.60 26.66
CA PHE D 64 1.15 -5.16 25.31
C PHE D 64 -0.13 -5.95 25.07
N GLN D 65 -0.59 -5.92 23.81
CA GLN D 65 -1.71 -6.77 23.45
C GLN D 65 -1.28 -8.23 23.49
N ALA D 66 -2.11 -9.08 24.10
CA ALA D 66 -1.71 -10.43 24.45
C ALA D 66 -2.67 -11.45 23.86
N GLU D 67 -2.23 -12.70 23.88
CA GLU D 67 -3.07 -13.85 23.60
C GLU D 67 -3.13 -14.73 24.83
N VAL D 68 -4.16 -15.58 24.87
CA VAL D 68 -4.39 -16.46 26.06
C VAL D 68 -3.12 -17.24 26.36
N GLY D 69 -2.61 -17.12 27.60
CA GLY D 69 -1.36 -17.81 27.98
C GLY D 69 -1.58 -19.29 28.23
N PRO D 70 -0.52 -20.09 28.48
CA PRO D 70 -0.68 -21.54 28.65
C PRO D 70 -1.61 -21.87 29.82
N ASN D 71 -1.45 -21.20 30.95
CA ASN D 71 -2.27 -21.50 32.15
C ASN D 71 -2.70 -20.18 32.82
N ASN D 72 -3.93 -19.74 32.55
CA ASN D 72 -4.43 -18.49 33.17
C ASN D 72 -3.35 -17.40 33.07
N THR D 73 -2.70 -17.31 31.91
CA THR D 73 -1.58 -16.33 31.75
C THR D 73 -1.85 -15.48 30.50
N ARG D 74 -0.97 -14.51 30.22
CA ARG D 74 -1.12 -13.69 29.00
C ARG D 74 0.27 -13.60 28.35
N SER D 75 0.39 -13.98 27.08
CA SER D 75 1.67 -13.83 26.41
C SER D 75 1.58 -12.77 25.32
N ILE D 76 2.67 -12.02 25.18
CA ILE D 76 2.70 -10.89 24.27
C ILE D 76 2.52 -11.35 22.84
N ARG D 77 1.59 -10.72 22.13
CA ARG D 77 1.40 -11.00 20.72
C ARG D 77 2.54 -10.36 19.93
N LYS D 78 3.30 -11.18 19.20
CA LYS D 78 4.44 -10.71 18.43
C LYS D 78 4.15 -10.83 16.95
N PHE D 79 4.50 -9.79 16.21
CA PHE D 79 4.25 -9.71 14.78
C PHE D 79 5.57 -9.71 14.03
N ASN D 80 5.60 -10.39 12.88
CA ASN D 80 6.84 -10.44 12.11
C ASN D 80 7.16 -9.09 11.46
N THR D 81 6.14 -8.32 11.09
CA THR D 81 6.37 -7.05 10.42
C THR D 81 5.57 -5.95 11.11
N MET D 82 6.05 -4.73 10.89
CA MET D 82 5.33 -3.54 11.31
C MET D 82 3.92 -3.51 10.71
N ARG D 83 3.80 -3.91 9.45
CA ARG D 83 2.51 -3.83 8.76
C ARG D 83 1.48 -4.78 9.36
N GLN D 84 1.90 -6.01 9.70
CA GLN D 84 0.99 -6.95 10.35
C GLN D 84 0.53 -6.42 11.69
N CYS D 85 1.45 -5.81 12.44
CA CYS D 85 1.10 -5.22 13.73
C CYS D 85 0.06 -4.11 13.56
N ILE D 86 0.31 -3.19 12.63
CA ILE D 86 -0.62 -2.09 12.40
C ILE D 86 -2.00 -2.63 12.01
N ASP D 87 -2.03 -3.56 11.04
CA ASP D 87 -3.30 -4.16 10.62
C ASP D 87 -4.07 -4.75 11.79
N PHE D 88 -3.38 -5.52 12.64
CA PHE D 88 -4.08 -6.09 13.79
C PHE D 88 -4.56 -4.99 14.73
N THR D 89 -3.73 -3.97 14.95
CA THR D 89 -4.00 -2.98 15.99
C THR D 89 -5.21 -2.13 15.63
N PHE D 90 -5.35 -1.77 14.36
CA PHE D 90 -6.39 -0.80 13.99
C PHE D 90 -7.54 -1.45 13.24
N SER D 91 -7.60 -2.79 13.21
CA SER D 91 -8.71 -3.48 12.61
C SER D 91 -9.96 -3.28 13.46
N ASP D 92 -11.06 -3.89 13.04
CA ASP D 92 -12.32 -3.73 13.75
C ASP D 92 -12.52 -4.79 14.82
N VAL D 93 -11.65 -5.81 14.87
CA VAL D 93 -11.84 -6.91 15.81
C VAL D 93 -11.61 -6.42 17.23
N ILE D 94 -12.35 -6.99 18.17
CA ILE D 94 -12.26 -6.59 19.59
C ILE D 94 -11.09 -7.36 20.19
N ASN D 95 -10.02 -6.64 20.55
CA ASN D 95 -8.79 -7.27 21.00
C ASN D 95 -8.92 -7.88 22.41
N ILE D 96 -9.27 -7.05 23.39
CA ILE D 96 -9.41 -7.38 24.81
C ILE D 96 -8.11 -7.69 25.57
N ASP D 97 -7.36 -8.70 25.13
CA ASP D 97 -6.29 -9.27 25.96
C ASP D 97 -5.06 -8.38 26.06
N ILE D 98 -4.68 -8.02 27.29
CA ILE D 98 -3.54 -7.17 27.57
C ILE D 98 -2.63 -7.87 28.57
N TYR D 99 -1.33 -7.84 28.31
CA TYR D 99 -0.31 -8.24 29.28
C TYR D 99 0.43 -7.00 29.76
N ASN D 100 0.40 -6.77 31.07
CA ASN D 100 1.11 -5.66 31.67
C ASN D 100 2.36 -6.18 32.37
N PRO D 101 3.55 -5.79 31.95
CA PRO D 101 4.77 -6.31 32.59
C PRO D 101 5.12 -5.59 33.89
N CYS D 102 4.45 -4.49 34.21
CA CYS D 102 4.82 -3.68 35.37
C CYS D 102 4.23 -4.19 36.68
N ILE D 103 3.23 -5.06 36.68
CA ILE D 103 2.58 -5.49 37.90
C ILE D 103 2.48 -7.01 37.93
N ALA D 104 2.70 -7.58 39.12
CA ALA D 104 2.39 -8.97 39.43
C ALA D 104 0.92 -9.25 39.13
N PRO D 105 0.53 -10.49 38.78
CA PRO D 105 1.38 -11.66 38.59
C PRO D 105 2.21 -11.51 37.34
N ASN D 106 3.29 -12.29 37.24
CA ASN D 106 4.10 -12.35 36.04
C ASN D 106 4.69 -10.97 35.74
N ILE D 107 5.41 -10.43 36.70
CA ILE D 107 6.03 -9.12 36.55
C ILE D 107 7.35 -9.30 35.79
N ASN D 108 7.56 -8.48 34.77
CA ASN D 108 8.84 -8.43 34.07
C ASN D 108 9.39 -7.01 34.17
N ASN D 109 10.42 -6.83 34.99
CA ASN D 109 10.87 -5.47 35.30
C ASN D 109 11.58 -4.83 34.12
N THR D 110 12.32 -5.62 33.34
CA THR D 110 12.95 -5.07 32.15
C THR D 110 11.92 -4.80 31.05
N GLU D 111 10.98 -5.73 30.83
CA GLU D 111 9.93 -5.44 29.85
C GLU D 111 9.09 -4.24 30.27
N CYS D 112 8.98 -4.00 31.58
CA CYS D 112 8.25 -2.82 32.05
C CYS D 112 9.05 -1.55 31.78
N GLN D 113 10.36 -1.59 32.01
CA GLN D 113 11.18 -0.43 31.72
C GLN D 113 11.21 -0.14 30.22
N PHE D 114 11.30 -1.19 29.41
CA PHE D 114 11.22 -1.05 27.96
C PHE D 114 9.92 -0.39 27.53
N LEU D 115 8.80 -0.86 28.08
CA LEU D 115 7.51 -0.23 27.80
C LEU D 115 7.56 1.26 28.10
N LYS D 116 8.04 1.61 29.31
CA LYS D 116 8.00 3.02 29.71
C LYS D 116 8.95 3.88 28.87
N SER D 117 10.00 3.28 28.30
CA SER D 117 10.93 4.06 27.48
C SER D 117 10.38 4.39 26.10
N VAL D 118 9.62 3.47 25.49
CA VAL D 118 9.13 3.67 24.12
C VAL D 118 7.87 4.50 24.02
N LEU D 119 7.25 4.86 25.14
CA LEU D 119 6.00 5.65 25.13
C LEU D 119 6.30 7.15 25.30
#